data_6DU3
#
_entry.id   6DU3
#
_cell.length_a   125.414
_cell.length_b   78.731
_cell.length_c   63.001
_cell.angle_alpha   90.000
_cell.angle_beta   112.420
_cell.angle_gamma   90.000
#
_symmetry.space_group_name_H-M   'C 1 2 1'
#
loop_
_entity.id
_entity.type
_entity.pdbx_description
1 polymer 'Carboxy-terminal domain RNA polymerase II polypeptide A small phosphatase 1'
2 polymer REST-pS861
3 non-polymer 'MAGNESIUM ION'
4 water water
#
loop_
_entity_poly.entity_id
_entity_poly.type
_entity_poly.pdbx_seq_one_letter_code
_entity_poly.pdbx_strand_id
1 'polypeptide(L)'
;QYLLPEAKAQDSDKICVVINLDETLVHSSFKPVNNADFIIPVEIDGVVHQVYVLKRPHVDEFLQRMGELFECVLFTASLA
KYADPVADLLDKWGAFRARLFRESCVFHRGNYVKDLSRLGRDLRRVLILDNSPASYVFHPDNAVPVASWFDNMSDTELHD
LLPFFEQLSRVDDVYSVLRQ
;
A,B
2 'polypeptide(L)' EDL(SEP)PPSPPLPK C,D
#
loop_
_chem_comp.id
_chem_comp.type
_chem_comp.name
_chem_comp.formula
MG non-polymer 'MAGNESIUM ION' 'Mg 2'
#
# COMPACT_ATOMS: atom_id res chain seq x y z
N GLN A 1 13.77 13.33 -17.25
CA GLN A 1 12.39 13.00 -16.90
C GLN A 1 12.06 11.54 -17.20
N TYR A 2 11.49 10.84 -16.22
CA TYR A 2 11.10 9.45 -16.41
C TYR A 2 9.66 9.37 -16.88
N LEU A 3 9.27 8.18 -17.34
CA LEU A 3 7.92 8.01 -17.87
C LEU A 3 6.86 8.12 -16.77
N LEU A 4 7.20 7.66 -15.53
CA LEU A 4 6.21 7.69 -14.46
C LEU A 4 6.59 8.71 -13.40
N PRO A 5 5.60 9.37 -12.79
CA PRO A 5 5.86 10.12 -11.54
C PRO A 5 6.31 9.22 -10.42
N GLU A 6 6.61 9.81 -9.27
CA GLU A 6 6.90 9.02 -8.09
C GLU A 6 5.65 8.24 -7.67
N ALA A 7 5.87 7.01 -7.23
CA ALA A 7 4.77 6.14 -6.86
C ALA A 7 4.06 6.71 -5.64
N LYS A 8 2.73 6.67 -5.68
CA LYS A 8 1.92 7.05 -4.52
C LYS A 8 2.25 6.16 -3.33
N ALA A 9 2.00 6.70 -2.13
CA ALA A 9 2.42 6.01 -0.90
C ALA A 9 1.82 4.61 -0.79
N GLN A 10 0.59 4.41 -1.27
CA GLN A 10 0.01 3.08 -1.28
C GLN A 10 0.57 2.18 -2.39
N ASP A 11 1.44 2.71 -3.27
CA ASP A 11 2.09 1.89 -4.29
C ASP A 11 3.57 1.71 -4.08
N SER A 12 4.18 2.54 -3.21
CA SER A 12 5.63 2.71 -3.24
C SER A 12 6.37 1.42 -2.91
N ASP A 13 5.86 0.61 -1.99
CA ASP A 13 6.59 -0.61 -1.64
C ASP A 13 6.25 -1.77 -2.56
N LYS A 14 5.27 -1.61 -3.45
CA LYS A 14 4.87 -2.69 -4.33
C LYS A 14 5.79 -2.78 -5.54
N ILE A 15 5.78 -3.93 -6.18
CA ILE A 15 6.47 -4.10 -7.46
C ILE A 15 5.65 -3.45 -8.57
N CYS A 16 6.35 -2.84 -9.52
CA CYS A 16 5.69 -2.30 -10.70
C CYS A 16 5.48 -3.41 -11.74
N VAL A 17 4.28 -3.45 -12.34
CA VAL A 17 4.04 -4.34 -13.47
C VAL A 17 3.50 -3.50 -14.64
N VAL A 18 4.23 -3.51 -15.74
CA VAL A 18 3.71 -2.93 -16.98
C VAL A 18 2.95 -4.02 -17.74
N ILE A 19 1.72 -3.71 -18.11
CA ILE A 19 0.78 -4.68 -18.68
C ILE A 19 0.42 -4.25 -20.08
N ASN A 20 0.62 -5.14 -21.04
CA ASN A 20 0.17 -4.89 -22.40
C ASN A 20 -1.34 -5.00 -22.51
N LEU A 21 -1.86 -4.41 -23.58
CA LEU A 21 -3.28 -4.46 -23.87
C LEU A 21 -3.60 -5.43 -25.00
N ASP A 22 -3.27 -5.10 -26.25
CA ASP A 22 -3.75 -5.86 -27.39
C ASP A 22 -3.09 -7.24 -27.46
N GLU A 23 -3.90 -8.29 -27.54
CA GLU A 23 -3.49 -9.69 -27.57
C GLU A 23 -2.88 -10.13 -26.24
N THR A 24 -2.96 -9.29 -25.21
CA THR A 24 -2.62 -9.68 -23.85
C THR A 24 -3.85 -9.73 -22.96
N LEU A 25 -4.61 -8.64 -22.92
CA LEU A 25 -5.85 -8.52 -22.16
C LEU A 25 -7.10 -8.51 -23.04
N VAL A 26 -7.01 -7.97 -24.26
CA VAL A 26 -8.15 -7.89 -25.18
C VAL A 26 -7.65 -8.13 -26.59
N HIS A 27 -8.58 -8.39 -27.49
CA HIS A 27 -8.30 -8.37 -28.91
C HIS A 27 -9.37 -7.56 -29.64
N SER A 28 -8.93 -6.75 -30.58
CA SER A 28 -9.80 -5.88 -31.35
C SER A 28 -9.52 -6.04 -32.84
N SER A 29 -10.55 -5.75 -33.65
CA SER A 29 -10.33 -5.50 -35.06
C SER A 29 -11.44 -4.60 -35.56
N PHE A 30 -11.23 -4.08 -36.77
CA PHE A 30 -12.22 -3.33 -37.51
C PHE A 30 -13.19 -4.24 -38.25
N LYS A 31 -12.87 -5.51 -38.39
CA LYS A 31 -13.79 -6.45 -38.97
C LYS A 31 -14.93 -6.68 -37.98
N PRO A 32 -16.18 -6.47 -38.37
CA PRO A 32 -17.29 -6.56 -37.40
C PRO A 32 -17.27 -7.89 -36.65
N VAL A 33 -17.49 -7.81 -35.35
CA VAL A 33 -17.51 -8.99 -34.49
C VAL A 33 -18.86 -9.04 -33.81
N ASN A 34 -19.57 -10.15 -33.99
CA ASN A 34 -20.83 -10.32 -33.30
C ASN A 34 -20.59 -10.59 -31.82
N ASN A 35 -21.55 -10.18 -30.99
CA ASN A 35 -21.48 -10.32 -29.54
C ASN A 35 -20.17 -9.79 -28.97
N ALA A 36 -19.74 -8.62 -29.44
CA ALA A 36 -18.54 -8.00 -28.88
C ALA A 36 -18.77 -7.61 -27.41
N ASP A 37 -17.67 -7.40 -26.69
CA ASP A 37 -17.75 -6.90 -25.32
C ASP A 37 -17.87 -5.38 -25.31
N PHE A 38 -17.02 -4.68 -26.08
CA PHE A 38 -17.16 -3.26 -26.29
C PHE A 38 -16.93 -2.95 -27.75
N ILE A 39 -17.59 -1.90 -28.21
CA ILE A 39 -17.35 -1.29 -29.51
C ILE A 39 -16.93 0.13 -29.23
N ILE A 40 -15.84 0.55 -29.84
CA ILE A 40 -15.28 1.89 -29.61
C ILE A 40 -15.15 2.61 -30.94
N PRO A 41 -15.76 3.79 -31.10
CA PRO A 41 -15.62 4.54 -32.36
C PRO A 41 -14.25 5.22 -32.35
N VAL A 42 -13.47 4.98 -33.39
CA VAL A 42 -12.09 5.44 -33.45
C VAL A 42 -11.88 6.15 -34.77
N GLU A 43 -11.61 7.46 -34.71
CA GLU A 43 -11.42 8.26 -35.91
C GLU A 43 -10.07 7.98 -36.55
N ILE A 44 -10.08 7.69 -37.84
CA ILE A 44 -8.84 7.42 -38.56
C ILE A 44 -8.87 8.18 -39.88
N ASP A 45 -8.00 9.18 -40.00
CA ASP A 45 -7.96 10.06 -41.16
C ASP A 45 -9.32 10.74 -41.36
N GLY A 46 -9.94 11.16 -40.26
CA GLY A 46 -11.17 11.92 -40.30
C GLY A 46 -12.43 11.11 -40.48
N VAL A 47 -12.34 9.79 -40.58
CA VAL A 47 -13.50 8.93 -40.69
C VAL A 47 -13.54 8.02 -39.46
N VAL A 48 -14.66 8.08 -38.73
CA VAL A 48 -14.88 7.20 -37.60
C VAL A 48 -15.13 5.79 -38.11
N HIS A 49 -14.44 4.81 -37.52
CA HIS A 49 -14.74 3.41 -37.73
C HIS A 49 -14.95 2.73 -36.39
N GLN A 50 -15.79 1.70 -36.39
CA GLN A 50 -16.08 0.95 -35.19
C GLN A 50 -15.00 -0.08 -34.96
N VAL A 51 -14.44 -0.10 -33.74
CA VAL A 51 -13.46 -1.11 -33.35
C VAL A 51 -14.13 -2.08 -32.38
N TYR A 52 -14.18 -3.38 -32.76
CA TYR A 52 -14.86 -4.42 -31.98
C TYR A 52 -13.87 -5.10 -31.03
N VAL A 53 -14.19 -5.08 -29.73
CA VAL A 53 -13.26 -5.45 -28.67
C VAL A 53 -13.76 -6.72 -27.99
N LEU A 54 -12.94 -7.76 -27.98
CA LEU A 54 -13.21 -8.95 -27.17
C LEU A 54 -12.33 -8.97 -25.92
N LYS A 55 -12.92 -9.32 -24.78
CA LYS A 55 -12.19 -9.49 -23.52
C LYS A 55 -11.65 -10.92 -23.43
N ARG A 56 -10.34 -11.04 -23.21
CA ARG A 56 -9.77 -12.35 -22.93
C ARG A 56 -10.40 -12.94 -21.67
N PRO A 57 -10.70 -14.24 -21.66
CA PRO A 57 -11.30 -14.84 -20.46
C PRO A 57 -10.50 -14.52 -19.21
N HIS A 58 -11.20 -14.44 -18.09
CA HIS A 58 -10.64 -14.21 -16.76
C HIS A 58 -9.95 -12.87 -16.61
N VAL A 59 -10.16 -11.92 -17.53
CA VAL A 59 -9.39 -10.69 -17.43
C VAL A 59 -9.86 -9.82 -16.25
N ASP A 60 -11.12 -9.95 -15.83
CA ASP A 60 -11.56 -9.17 -14.67
C ASP A 60 -10.99 -9.73 -13.38
N GLU A 61 -11.00 -11.06 -13.22
CA GLU A 61 -10.30 -11.65 -12.09
C GLU A 61 -8.84 -11.24 -12.11
N PHE A 62 -8.26 -11.14 -13.30
CA PHE A 62 -6.83 -10.86 -13.43
C PHE A 62 -6.53 -9.41 -13.05
N LEU A 63 -7.19 -8.45 -13.70
CA LEU A 63 -6.95 -7.04 -13.38
C LEU A 63 -7.26 -6.73 -11.92
N GLN A 64 -8.39 -7.24 -11.42
CA GLN A 64 -8.78 -6.94 -10.06
C GLN A 64 -7.74 -7.45 -9.05
N ARG A 65 -7.23 -8.67 -9.26
CA ARG A 65 -6.22 -9.15 -8.32
C ARG A 65 -4.88 -8.46 -8.54
N MET A 66 -4.51 -8.21 -9.81
CA MET A 66 -3.25 -7.54 -10.10
C MET A 66 -3.17 -6.17 -9.46
N GLY A 67 -4.28 -5.42 -9.46
CA GLY A 67 -4.28 -4.08 -8.90
C GLY A 67 -4.04 -4.08 -7.40
N GLU A 68 -4.46 -5.14 -6.72
CA GLU A 68 -4.09 -5.29 -5.32
C GLU A 68 -2.61 -5.60 -5.17
N LEU A 69 -2.10 -6.53 -5.99
CA LEU A 69 -0.75 -7.04 -5.76
C LEU A 69 0.34 -6.06 -6.18
N PHE A 70 0.06 -5.13 -7.09
CA PHE A 70 1.13 -4.39 -7.76
C PHE A 70 0.75 -2.94 -7.99
N GLU A 71 1.77 -2.15 -8.31
CA GLU A 71 1.58 -0.90 -9.03
C GLU A 71 1.51 -1.26 -10.50
N CYS A 72 0.30 -1.42 -11.01
CA CYS A 72 0.07 -1.78 -12.39
C CYS A 72 0.09 -0.55 -13.28
N VAL A 73 0.71 -0.71 -14.45
CA VAL A 73 0.81 0.35 -15.46
C VAL A 73 0.41 -0.22 -16.80
N LEU A 74 -0.60 0.39 -17.43
CA LEU A 74 -0.88 0.09 -18.82
C LEU A 74 0.22 0.66 -19.72
N PHE A 75 0.75 -0.17 -20.61
CA PHE A 75 1.84 0.22 -21.50
C PHE A 75 1.60 -0.46 -22.83
N THR A 76 1.21 0.31 -23.83
CA THR A 76 0.76 -0.23 -25.10
C THR A 76 1.40 0.54 -26.25
N ALA A 77 1.54 -0.12 -27.39
CA ALA A 77 2.02 0.59 -28.58
C ALA A 77 0.89 1.17 -29.41
N SER A 78 -0.35 1.13 -28.93
CA SER A 78 -1.47 1.74 -29.62
C SER A 78 -1.63 3.19 -29.20
N LEU A 79 -2.46 3.93 -29.93
CA LEU A 79 -2.71 5.32 -29.60
C LEU A 79 -3.78 5.44 -28.51
N ALA A 80 -3.62 6.47 -27.66
CA ALA A 80 -4.60 6.75 -26.60
C ALA A 80 -6.02 6.95 -27.13
N LYS A 81 -6.18 7.43 -28.37
CA LYS A 81 -7.53 7.63 -28.88
C LYS A 81 -8.30 6.32 -28.87
N TYR A 82 -7.59 5.20 -28.97
CA TYR A 82 -8.19 3.88 -28.86
C TYR A 82 -8.03 3.28 -27.47
N ALA A 83 -6.83 3.41 -26.89
CA ALA A 83 -6.50 2.69 -25.65
C ALA A 83 -7.27 3.25 -24.45
N ASP A 84 -7.32 4.58 -24.30
CA ASP A 84 -8.01 5.16 -23.15
C ASP A 84 -9.46 4.72 -23.03
N PRO A 85 -10.27 4.76 -24.09
CA PRO A 85 -11.63 4.24 -23.96
C PRO A 85 -11.67 2.76 -23.57
N VAL A 86 -10.84 1.93 -24.20
CA VAL A 86 -10.79 0.50 -23.82
C VAL A 86 -10.45 0.37 -22.33
N ALA A 87 -9.36 1.01 -21.91
CA ALA A 87 -8.94 0.95 -20.52
C ALA A 87 -10.03 1.44 -19.58
N ASP A 88 -10.72 2.53 -19.95
CA ASP A 88 -11.82 3.03 -19.11
C ASP A 88 -12.86 1.95 -18.89
N LEU A 89 -13.17 1.16 -19.91
CA LEU A 89 -14.15 0.10 -19.77
C LEU A 89 -13.62 -1.14 -19.06
N LEU A 90 -12.34 -1.50 -19.25
CA LEU A 90 -11.79 -2.69 -18.61
C LEU A 90 -11.56 -2.49 -17.13
N ASP A 91 -10.85 -1.43 -16.78
CA ASP A 91 -10.31 -1.26 -15.42
C ASP A 91 -11.43 -0.78 -14.50
N LYS A 92 -12.22 -1.74 -14.03
CA LYS A 92 -13.32 -1.45 -13.12
C LYS A 92 -12.87 -1.19 -11.68
N TRP A 93 -11.59 -1.40 -11.34
CA TRP A 93 -11.13 -1.26 -9.96
C TRP A 93 -10.01 -0.25 -9.80
N GLY A 94 -9.62 0.43 -10.87
CA GLY A 94 -8.52 1.37 -10.78
C GLY A 94 -7.19 0.68 -10.72
N ALA A 95 -7.09 -0.51 -11.31
CA ALA A 95 -5.83 -1.24 -11.33
C ALA A 95 -4.71 -0.41 -11.94
N PHE A 96 -4.94 0.14 -13.13
CA PHE A 96 -3.91 0.88 -13.85
C PHE A 96 -3.63 2.19 -13.13
N ARG A 97 -2.45 2.34 -12.54
CA ARG A 97 -2.12 3.60 -11.90
C ARG A 97 -1.61 4.63 -12.91
N ALA A 98 -1.21 4.20 -14.11
CA ALA A 98 -0.78 5.11 -15.14
C ALA A 98 -0.99 4.43 -16.48
N ARG A 99 -1.05 5.24 -17.53
CA ARG A 99 -1.25 4.75 -18.89
C ARG A 99 -0.17 5.30 -19.81
N LEU A 100 0.52 4.43 -20.52
CA LEU A 100 1.60 4.83 -21.42
C LEU A 100 1.35 4.24 -22.81
N PHE A 101 1.42 5.09 -23.83
CA PHE A 101 1.01 4.72 -25.19
C PHE A 101 2.21 4.75 -26.13
N ARG A 102 1.91 4.68 -27.44
CA ARG A 102 2.93 4.56 -28.47
C ARG A 102 4.05 5.59 -28.32
N GLU A 103 3.68 6.85 -28.06
CA GLU A 103 4.70 7.90 -27.91
C GLU A 103 5.65 7.63 -26.74
N SER A 104 5.28 6.76 -25.81
CA SER A 104 6.19 6.42 -24.74
C SER A 104 7.09 5.23 -25.10
N CYS A 105 6.83 4.56 -26.22
CA CYS A 105 7.68 3.44 -26.59
C CYS A 105 8.96 3.94 -27.25
N VAL A 106 9.93 3.04 -27.37
CA VAL A 106 11.14 3.25 -28.14
C VAL A 106 11.04 2.42 -29.41
N PHE A 107 11.23 3.05 -30.57
CA PHE A 107 11.31 2.36 -31.85
C PHE A 107 12.74 1.88 -32.05
N HIS A 108 12.93 0.56 -32.15
CA HIS A 108 14.25 -0.04 -32.21
C HIS A 108 14.22 -1.12 -33.28
N ARG A 109 14.77 -0.81 -34.44
CA ARG A 109 14.99 -1.79 -35.49
C ARG A 109 13.66 -2.37 -35.96
N GLY A 110 12.71 -1.48 -36.21
CA GLY A 110 11.42 -1.86 -36.76
C GLY A 110 10.36 -2.25 -35.75
N ASN A 111 10.68 -2.22 -34.45
CA ASN A 111 9.77 -2.69 -33.40
C ASN A 111 9.65 -1.63 -32.33
N TYR A 112 8.43 -1.45 -31.81
CA TYR A 112 8.20 -0.57 -30.66
C TYR A 112 8.56 -1.31 -29.38
N VAL A 113 9.53 -0.79 -28.65
CA VAL A 113 10.09 -1.45 -27.48
C VAL A 113 9.69 -0.67 -26.24
N LYS A 114 9.21 -1.39 -25.24
CA LYS A 114 8.92 -0.81 -23.94
C LYS A 114 10.22 -0.85 -23.16
N ASP A 115 10.97 0.26 -23.21
CA ASP A 115 12.25 0.34 -22.53
C ASP A 115 12.00 0.57 -21.05
N LEU A 116 12.14 -0.50 -20.26
CA LEU A 116 11.76 -0.42 -18.85
C LEU A 116 12.64 0.52 -18.06
N SER A 117 13.84 0.82 -18.57
CA SER A 117 14.77 1.73 -17.92
C SER A 117 14.23 3.15 -17.81
N ARG A 118 13.15 3.48 -18.52
CA ARG A 118 12.61 4.83 -18.55
C ARG A 118 11.43 5.03 -17.61
N LEU A 119 10.95 3.97 -16.95
CA LEU A 119 9.78 4.14 -16.09
C LEU A 119 10.12 4.97 -14.85
N GLY A 120 11.37 4.92 -14.39
CA GLY A 120 11.64 5.51 -13.09
C GLY A 120 11.26 4.58 -11.94
N ARG A 121 11.76 3.36 -11.98
CA ARG A 121 11.48 2.36 -10.96
C ARG A 121 12.70 1.44 -10.90
N ASP A 122 13.09 1.05 -9.70
CA ASP A 122 14.16 0.09 -9.56
C ASP A 122 13.81 -1.17 -10.34
N LEU A 123 14.68 -1.52 -11.28
CA LEU A 123 14.36 -2.61 -12.19
C LEU A 123 14.34 -3.96 -11.47
N ARG A 124 14.89 -4.04 -10.26
CA ARG A 124 14.69 -5.25 -9.45
C ARG A 124 13.25 -5.41 -9.02
N ARG A 125 12.43 -4.35 -9.08
CA ARG A 125 11.04 -4.41 -8.70
C ARG A 125 10.13 -3.95 -9.86
N VAL A 126 10.46 -4.38 -11.08
CA VAL A 126 9.65 -4.10 -12.25
C VAL A 126 9.41 -5.40 -12.98
N LEU A 127 8.17 -5.61 -13.42
CA LEU A 127 7.80 -6.73 -14.29
C LEU A 127 7.15 -6.20 -15.56
N ILE A 128 7.22 -6.97 -16.64
CA ILE A 128 6.45 -6.68 -17.85
C ILE A 128 5.67 -7.91 -18.25
N LEU A 129 4.37 -7.75 -18.48
CA LEU A 129 3.50 -8.79 -19.00
C LEU A 129 3.10 -8.42 -20.43
N ASP A 130 3.61 -9.14 -21.42
CA ASP A 130 3.43 -8.77 -22.82
C ASP A 130 3.50 -10.00 -23.71
N ASN A 131 2.54 -10.08 -24.65
CA ASN A 131 2.48 -11.20 -25.58
C ASN A 131 3.57 -11.16 -26.66
N SER A 132 4.29 -10.05 -26.79
CA SER A 132 5.23 -9.87 -27.90
C SER A 132 6.66 -9.75 -27.36
N PRO A 133 7.43 -10.84 -27.38
CA PRO A 133 8.79 -10.78 -26.79
C PRO A 133 9.65 -9.66 -27.36
N ALA A 134 9.31 -9.16 -28.55
CA ALA A 134 9.98 -8.01 -29.12
C ALA A 134 9.75 -6.76 -28.31
N SER A 135 8.59 -6.63 -27.66
CA SER A 135 8.30 -5.48 -26.82
C SER A 135 9.30 -5.32 -25.67
N TYR A 136 9.90 -6.41 -25.18
CA TYR A 136 10.78 -6.32 -24.02
C TYR A 136 12.18 -6.84 -24.33
N VAL A 137 12.67 -6.53 -25.54
CA VAL A 137 13.97 -7.01 -26.00
C VAL A 137 15.09 -6.54 -25.08
N PHE A 138 15.00 -5.31 -24.55
CA PHE A 138 16.03 -4.75 -23.68
C PHE A 138 15.96 -5.26 -22.25
N HIS A 139 14.85 -5.90 -21.86
CA HIS A 139 14.66 -6.33 -20.47
C HIS A 139 14.04 -7.73 -20.45
N PRO A 140 14.69 -8.71 -21.10
CA PRO A 140 14.09 -10.06 -21.11
C PRO A 140 14.00 -10.67 -19.73
N ASP A 141 14.90 -10.33 -18.80
CA ASP A 141 14.86 -10.94 -17.47
C ASP A 141 13.81 -10.32 -16.57
N ASN A 142 13.01 -9.40 -17.11
CA ASN A 142 11.94 -8.73 -16.39
C ASN A 142 10.56 -9.21 -16.84
N ALA A 143 10.49 -10.24 -17.66
CA ALA A 143 9.30 -10.52 -18.45
C ALA A 143 8.61 -11.79 -17.98
N VAL A 144 7.30 -11.74 -18.04
CA VAL A 144 6.48 -12.92 -17.79
C VAL A 144 5.77 -13.20 -19.11
N PRO A 145 6.22 -14.19 -19.89
CA PRO A 145 5.62 -14.40 -21.21
C PRO A 145 4.14 -14.72 -21.08
N VAL A 146 3.39 -14.36 -22.09
CA VAL A 146 1.98 -14.72 -22.19
C VAL A 146 1.66 -14.87 -23.66
N ALA A 147 0.88 -15.88 -24.00
CA ALA A 147 0.63 -16.12 -25.41
C ALA A 147 -0.40 -15.13 -25.94
N SER A 148 -0.20 -14.70 -27.19
CA SER A 148 -1.13 -13.82 -27.85
C SER A 148 -2.51 -14.43 -27.90
N TRP A 149 -3.52 -13.65 -27.56
CA TRP A 149 -4.88 -14.12 -27.52
C TRP A 149 -5.70 -13.36 -28.55
N PHE A 150 -6.63 -14.06 -29.21
CA PHE A 150 -7.47 -13.45 -30.24
C PHE A 150 -8.96 -13.66 -29.98
N ASP A 151 -9.40 -14.90 -29.84
CA ASP A 151 -10.81 -15.19 -29.62
C ASP A 151 -11.04 -16.56 -28.99
N ASN A 152 -9.97 -17.29 -28.70
CA ASN A 152 -10.16 -18.58 -28.05
C ASN A 152 -10.80 -18.42 -26.67
N MET A 153 -12.10 -18.73 -26.55
CA MET A 153 -12.79 -18.55 -25.28
C MET A 153 -12.54 -19.69 -24.29
N SER A 154 -11.75 -20.69 -24.69
CA SER A 154 -11.28 -21.71 -23.76
C SER A 154 -10.00 -21.29 -23.04
N ASP A 155 -9.40 -20.17 -23.45
CA ASP A 155 -8.10 -19.76 -22.93
C ASP A 155 -8.19 -19.52 -21.43
N THR A 156 -7.11 -19.88 -20.72
CA THR A 156 -7.08 -19.67 -19.27
C THR A 156 -5.75 -19.10 -18.77
N GLU A 157 -4.95 -18.48 -19.64
CA GLU A 157 -3.60 -18.12 -19.24
C GLU A 157 -3.57 -17.05 -18.16
N LEU A 158 -4.39 -16.01 -18.28
CA LEU A 158 -4.43 -15.00 -17.23
C LEU A 158 -4.78 -15.64 -15.89
N HIS A 159 -5.74 -16.60 -15.89
CA HIS A 159 -6.07 -17.35 -14.68
C HIS A 159 -4.86 -18.13 -14.19
N ASP A 160 -4.21 -18.85 -15.10
CA ASP A 160 -3.12 -19.73 -14.71
C ASP A 160 -1.89 -18.95 -14.26
N LEU A 161 -1.70 -17.72 -14.76
CA LEU A 161 -0.55 -16.91 -14.35
C LEU A 161 -0.66 -16.32 -12.94
N LEU A 162 -1.87 -16.18 -12.38
CA LEU A 162 -2.04 -15.49 -11.11
C LEU A 162 -1.24 -16.10 -9.95
N PRO A 163 -1.26 -17.40 -9.71
CA PRO A 163 -0.48 -17.89 -8.56
C PRO A 163 0.99 -17.60 -8.68
N PHE A 164 1.48 -17.44 -9.91
CA PHE A 164 2.88 -17.07 -10.13
C PHE A 164 3.12 -15.60 -9.82
N PHE A 165 2.19 -14.74 -10.22
CA PHE A 165 2.24 -13.34 -9.79
C PHE A 165 2.07 -13.21 -8.29
N GLU A 166 1.32 -14.11 -7.65
CA GLU A 166 1.22 -14.08 -6.20
C GLU A 166 2.60 -14.22 -5.57
N GLN A 167 3.40 -15.17 -6.09
CA GLN A 167 4.77 -15.33 -5.64
C GLN A 167 5.58 -14.07 -5.94
N LEU A 168 5.54 -13.61 -7.18
CA LEU A 168 6.39 -12.49 -7.58
C LEU A 168 6.10 -11.24 -6.77
N SER A 169 4.84 -11.04 -6.36
CA SER A 169 4.46 -9.80 -5.67
C SER A 169 5.11 -9.68 -4.32
N ARG A 170 5.62 -10.79 -3.77
CA ARG A 170 6.15 -10.82 -2.41
C ARG A 170 7.68 -10.83 -2.35
N VAL A 171 8.38 -11.03 -3.48
CA VAL A 171 9.84 -11.09 -3.44
C VAL A 171 10.43 -9.68 -3.35
N ASP A 172 11.69 -9.62 -2.93
CA ASP A 172 12.43 -8.37 -2.86
C ASP A 172 13.02 -7.98 -4.21
N ASP A 173 13.41 -8.97 -5.01
CA ASP A 173 14.11 -8.76 -6.28
C ASP A 173 13.60 -9.81 -7.27
N VAL A 174 12.86 -9.34 -8.29
CA VAL A 174 12.26 -10.25 -9.26
C VAL A 174 13.33 -11.12 -9.93
N TYR A 175 14.56 -10.61 -10.06
CA TYR A 175 15.57 -11.41 -10.73
C TYR A 175 15.91 -12.68 -9.96
N SER A 176 15.64 -12.72 -8.65
CA SER A 176 15.84 -13.96 -7.91
C SER A 176 14.92 -15.07 -8.39
N VAL A 177 13.79 -14.74 -9.00
CA VAL A 177 12.91 -15.74 -9.59
C VAL A 177 13.22 -15.93 -11.06
N LEU A 178 13.32 -14.84 -11.80
CA LEU A 178 13.47 -14.89 -13.24
C LEU A 178 14.93 -15.03 -13.68
N ARG A 179 15.89 -15.02 -12.76
CA ARG A 179 17.29 -15.29 -13.01
C ARG A 179 17.98 -14.15 -13.78
N GLN A 180 18.44 -13.13 -13.05
CA GLN A 180 19.42 -12.17 -13.57
C GLN A 180 20.17 -11.47 -12.43
N GLN B 1 -11.83 23.22 24.33
CA GLN B 1 -11.98 21.86 24.84
C GLN B 1 -10.76 21.00 24.57
N TYR B 2 -10.61 19.96 25.39
CA TYR B 2 -9.49 19.04 25.34
C TYR B 2 -9.79 17.85 24.43
N LEU B 3 -8.75 17.05 24.18
CA LEU B 3 -8.89 15.90 23.29
C LEU B 3 -9.71 14.78 23.92
N LEU B 4 -9.45 14.49 25.21
CA LEU B 4 -10.10 13.44 25.97
C LEU B 4 -11.18 14.01 26.87
N PRO B 5 -12.16 13.21 27.25
CA PRO B 5 -13.08 13.62 28.32
C PRO B 5 -12.44 13.35 29.68
N GLU B 6 -13.13 13.77 30.75
CA GLU B 6 -12.68 13.40 32.09
C GLU B 6 -12.53 11.88 32.18
N ALA B 7 -11.43 11.44 32.80
CA ALA B 7 -11.19 10.02 32.94
C ALA B 7 -12.36 9.35 33.62
N LYS B 8 -12.68 8.13 33.18
CA LYS B 8 -13.71 7.37 33.87
C LYS B 8 -13.29 7.15 35.33
N ALA B 9 -14.29 7.02 36.19
CA ALA B 9 -14.05 7.07 37.63
C ALA B 9 -13.04 6.00 38.07
N GLN B 10 -13.11 4.80 37.50
CA GLN B 10 -12.13 3.79 37.89
C GLN B 10 -10.72 4.18 37.45
N ASP B 11 -10.61 5.06 36.44
CA ASP B 11 -9.33 5.44 35.83
C ASP B 11 -8.71 6.67 36.45
N SER B 12 -9.49 7.51 37.14
CA SER B 12 -9.05 8.85 37.51
C SER B 12 -7.81 8.85 38.40
N ASP B 13 -7.48 7.74 39.04
CA ASP B 13 -6.27 7.71 39.86
C ASP B 13 -5.05 7.18 39.11
N LYS B 14 -5.17 6.93 37.82
CA LYS B 14 -4.12 6.23 37.09
C LYS B 14 -3.41 7.18 36.13
N ILE B 15 -2.11 6.92 35.93
CA ILE B 15 -1.35 7.68 34.95
C ILE B 15 -1.88 7.39 33.55
N CYS B 16 -2.07 8.44 32.77
CA CYS B 16 -2.52 8.31 31.38
C CYS B 16 -1.31 8.09 30.47
N VAL B 17 -1.28 6.95 29.79
CA VAL B 17 -0.18 6.61 28.91
C VAL B 17 -0.67 6.68 27.47
N VAL B 18 -0.10 7.60 26.70
CA VAL B 18 -0.33 7.69 25.26
C VAL B 18 0.59 6.70 24.55
N ILE B 19 0.04 5.94 23.63
CA ILE B 19 0.76 4.86 22.97
C ILE B 19 0.61 5.03 21.46
N ASN B 20 1.73 4.94 20.76
CA ASN B 20 1.75 4.98 19.32
C ASN B 20 1.35 3.62 18.76
N LEU B 21 1.01 3.62 17.47
CA LEU B 21 0.67 2.40 16.76
C LEU B 21 1.85 1.94 15.86
N ASP B 22 2.18 2.72 14.84
CA ASP B 22 3.04 2.25 13.76
C ASP B 22 4.51 2.24 14.17
N GLU B 23 5.17 1.10 13.97
CA GLU B 23 6.53 0.81 14.39
C GLU B 23 6.70 0.85 15.91
N THR B 24 5.60 1.01 16.66
CA THR B 24 5.62 0.86 18.11
C THR B 24 4.97 -0.46 18.53
N LEU B 25 3.70 -0.68 18.16
CA LEU B 25 2.97 -1.90 18.43
C LEU B 25 2.86 -2.83 17.24
N VAL B 26 2.85 -2.27 16.02
CA VAL B 26 2.67 -3.05 14.79
C VAL B 26 3.57 -2.42 13.73
N HIS B 27 3.72 -3.14 12.62
CA HIS B 27 4.28 -2.52 11.43
C HIS B 27 3.50 -2.97 10.21
N SER B 28 3.17 -2.01 9.35
CA SER B 28 2.28 -2.23 8.23
C SER B 28 2.89 -1.71 6.94
N SER B 29 2.52 -2.36 5.83
CA SER B 29 2.83 -1.86 4.50
C SER B 29 1.80 -2.44 3.53
N PHE B 30 1.80 -1.89 2.31
CA PHE B 30 1.00 -2.41 1.21
C PHE B 30 1.70 -3.52 0.42
N LYS B 31 2.97 -3.77 0.71
CA LYS B 31 3.69 -4.88 0.12
C LYS B 31 3.07 -6.18 0.59
N PRO B 32 2.61 -7.06 -0.29
CA PRO B 32 2.06 -8.34 0.16
C PRO B 32 3.11 -9.16 0.90
N VAL B 33 2.68 -9.77 1.99
CA VAL B 33 3.50 -10.68 2.80
C VAL B 33 2.59 -11.84 3.18
N ASN B 34 3.19 -12.99 3.46
CA ASN B 34 2.39 -14.16 3.78
C ASN B 34 2.04 -14.29 5.25
N ASN B 35 2.88 -13.76 6.14
CA ASN B 35 2.69 -13.99 7.57
C ASN B 35 2.01 -12.81 8.26
N ALA B 36 1.30 -11.96 7.51
CA ALA B 36 0.61 -10.85 8.14
C ALA B 36 -0.37 -11.35 9.19
N ASP B 37 -0.41 -10.65 10.32
CA ASP B 37 -1.39 -10.94 11.37
C ASP B 37 -2.77 -10.44 10.98
N PHE B 38 -2.83 -9.26 10.37
CA PHE B 38 -4.05 -8.65 9.90
C PHE B 38 -3.90 -8.21 8.46
N ILE B 39 -4.97 -8.34 7.69
CA ILE B 39 -5.12 -7.67 6.42
C ILE B 39 -6.31 -6.75 6.59
N ILE B 40 -6.15 -5.48 6.24
CA ILE B 40 -7.19 -4.48 6.46
C ILE B 40 -7.42 -3.74 5.15
N PRO B 41 -8.66 -3.69 4.65
CA PRO B 41 -8.94 -2.94 3.43
C PRO B 41 -9.07 -1.45 3.71
N VAL B 42 -8.35 -0.65 2.93
CA VAL B 42 -8.36 0.80 3.05
C VAL B 42 -8.71 1.38 1.69
N GLU B 43 -9.80 2.14 1.63
CA GLU B 43 -10.24 2.81 0.42
C GLU B 43 -9.57 4.17 0.28
N ILE B 44 -8.85 4.35 -0.83
CA ILE B 44 -8.15 5.59 -1.15
C ILE B 44 -8.61 6.01 -2.54
N ASP B 45 -9.49 7.02 -2.58
CA ASP B 45 -10.06 7.50 -3.84
C ASP B 45 -10.67 6.34 -4.63
N GLY B 46 -11.82 5.87 -4.14
CA GLY B 46 -12.55 4.84 -4.86
C GLY B 46 -11.92 3.46 -4.91
N VAL B 47 -10.59 3.36 -4.79
CA VAL B 47 -9.89 2.08 -4.84
C VAL B 47 -9.66 1.55 -3.42
N VAL B 48 -9.87 0.25 -3.27
CA VAL B 48 -9.63 -0.45 -2.01
C VAL B 48 -8.25 -1.08 -2.07
N HIS B 49 -7.34 -0.61 -1.23
CA HIS B 49 -6.02 -1.21 -1.12
C HIS B 49 -5.99 -2.17 0.06
N GLN B 50 -4.98 -3.01 0.09
CA GLN B 50 -4.82 -4.00 1.15
C GLN B 50 -3.59 -3.66 1.96
N VAL B 51 -3.79 -3.46 3.27
CA VAL B 51 -2.68 -3.19 4.17
C VAL B 51 -2.40 -4.45 4.97
N TYR B 52 -1.15 -4.86 4.96
CA TYR B 52 -0.69 -6.02 5.69
C TYR B 52 -0.09 -5.55 7.01
N VAL B 53 -0.61 -6.05 8.13
CA VAL B 53 -0.19 -5.60 9.46
C VAL B 53 0.49 -6.76 10.19
N LEU B 54 1.71 -6.50 10.67
CA LEU B 54 2.46 -7.43 11.51
C LEU B 54 2.39 -7.00 12.97
N LYS B 55 2.24 -7.97 13.87
CA LYS B 55 2.26 -7.68 15.30
C LYS B 55 3.69 -7.75 15.84
N ARG B 56 4.07 -6.76 16.64
CA ARG B 56 5.34 -6.80 17.33
C ARG B 56 5.30 -7.88 18.41
N PRO B 57 6.41 -8.59 18.65
CA PRO B 57 6.41 -9.62 19.69
C PRO B 57 5.93 -9.09 21.03
N HIS B 58 5.19 -9.94 21.75
CA HIS B 58 4.71 -9.70 23.12
C HIS B 58 3.74 -8.55 23.22
N VAL B 59 3.25 -8.02 22.10
CA VAL B 59 2.31 -6.89 22.14
C VAL B 59 1.07 -7.25 22.96
N ASP B 60 0.60 -8.50 22.85
CA ASP B 60 -0.58 -8.92 23.58
C ASP B 60 -0.35 -8.85 25.09
N GLU B 61 0.72 -9.50 25.56
CA GLU B 61 1.11 -9.37 26.96
C GLU B 61 1.26 -7.89 27.34
N PHE B 62 1.85 -7.09 26.44
CA PHE B 62 2.12 -5.70 26.75
C PHE B 62 0.84 -4.92 26.97
N LEU B 63 -0.10 -4.99 26.01
CA LEU B 63 -1.31 -4.20 26.13
C LEU B 63 -2.17 -4.69 27.30
N GLN B 64 -2.20 -6.00 27.54
CA GLN B 64 -2.99 -6.55 28.64
C GLN B 64 -2.55 -5.97 29.98
N ARG B 65 -1.25 -5.99 30.27
CA ARG B 65 -0.73 -5.43 31.51
C ARG B 65 -0.90 -3.92 31.55
N MET B 66 -0.49 -3.23 30.46
CA MET B 66 -0.62 -1.78 30.41
C MET B 66 -2.06 -1.33 30.63
N GLY B 67 -3.03 -2.12 30.18
CA GLY B 67 -4.43 -1.79 30.40
C GLY B 67 -4.85 -1.89 31.86
N GLU B 68 -4.20 -2.76 32.64
CA GLU B 68 -4.47 -2.80 34.09
C GLU B 68 -3.83 -1.60 34.80
N LEU B 69 -2.59 -1.27 34.45
CA LEU B 69 -1.81 -0.27 35.18
C LEU B 69 -2.21 1.16 34.86
N PHE B 70 -2.64 1.45 33.63
CA PHE B 70 -2.73 2.84 33.17
C PHE B 70 -4.07 3.14 32.51
N GLU B 71 -4.37 4.43 32.40
CA GLU B 71 -5.38 4.93 31.48
C GLU B 71 -4.73 5.01 30.10
N CYS B 72 -4.95 4.00 29.26
CA CYS B 72 -4.23 3.85 28.02
C CYS B 72 -4.99 4.52 26.89
N VAL B 73 -4.29 5.40 26.16
CA VAL B 73 -4.87 6.16 25.05
C VAL B 73 -4.04 5.89 23.80
N LEU B 74 -4.72 5.45 22.73
CA LEU B 74 -4.05 5.30 21.44
C LEU B 74 -3.97 6.66 20.77
N PHE B 75 -2.78 7.01 20.29
CA PHE B 75 -2.54 8.31 19.66
C PHE B 75 -1.61 8.08 18.49
N THR B 76 -2.06 8.42 17.29
CA THR B 76 -1.32 8.07 16.09
C THR B 76 -1.48 9.16 15.03
N ALA B 77 -0.41 9.37 14.26
CA ALA B 77 -0.47 10.30 13.15
C ALA B 77 -1.13 9.70 11.92
N SER B 78 -1.51 8.42 11.96
CA SER B 78 -2.17 7.76 10.85
C SER B 78 -3.66 8.09 10.86
N LEU B 79 -4.34 7.74 9.77
CA LEU B 79 -5.75 8.05 9.63
C LEU B 79 -6.62 6.96 10.26
N ALA B 80 -7.75 7.38 10.80
CA ALA B 80 -8.69 6.45 11.41
C ALA B 80 -9.08 5.31 10.47
N LYS B 81 -9.29 5.60 9.18
CA LYS B 81 -9.72 4.52 8.28
C LYS B 81 -8.71 3.38 8.27
N TYR B 82 -7.47 3.62 8.71
CA TYR B 82 -6.48 2.56 8.86
C TYR B 82 -6.29 2.14 10.33
N ALA B 83 -6.00 3.12 11.20
CA ALA B 83 -5.62 2.84 12.58
C ALA B 83 -6.76 2.24 13.42
N ASP B 84 -7.99 2.67 13.16
CA ASP B 84 -9.18 2.31 13.94
C ASP B 84 -9.52 0.82 13.77
N PRO B 85 -9.48 0.24 12.57
CA PRO B 85 -9.69 -1.22 12.50
C PRO B 85 -8.52 -2.02 13.04
N VAL B 86 -7.29 -1.54 12.87
CA VAL B 86 -6.16 -2.21 13.48
C VAL B 86 -6.35 -2.29 14.98
N ALA B 87 -6.76 -1.19 15.60
CA ALA B 87 -6.99 -1.18 17.03
C ALA B 87 -8.09 -2.16 17.41
N ASP B 88 -9.17 -2.21 16.61
CA ASP B 88 -10.20 -3.23 16.83
C ASP B 88 -9.60 -4.63 16.88
N LEU B 89 -8.70 -4.97 15.96
CA LEU B 89 -8.17 -6.33 15.95
C LEU B 89 -7.09 -6.51 17.01
N LEU B 90 -6.35 -5.45 17.31
CA LEU B 90 -5.22 -5.56 18.23
C LEU B 90 -5.67 -5.66 19.68
N ASP B 91 -6.52 -4.72 20.11
CA ASP B 91 -6.83 -4.50 21.52
C ASP B 91 -7.98 -5.42 21.97
N LYS B 92 -7.68 -6.71 22.01
CA LYS B 92 -8.72 -7.61 22.44
C LYS B 92 -9.04 -7.48 23.93
N TRP B 93 -8.31 -6.67 24.68
CA TRP B 93 -8.56 -6.51 26.11
C TRP B 93 -9.20 -5.19 26.49
N GLY B 94 -9.49 -4.31 25.53
CA GLY B 94 -10.03 -3.02 25.92
C GLY B 94 -9.06 -2.13 26.66
N ALA B 95 -7.76 -2.31 26.42
CA ALA B 95 -6.78 -1.43 27.06
C ALA B 95 -7.02 0.03 26.72
N PHE B 96 -7.35 0.34 25.47
CA PHE B 96 -7.44 1.73 25.02
C PHE B 96 -8.79 2.32 25.43
N ARG B 97 -8.76 3.27 26.36
CA ARG B 97 -9.96 4.03 26.72
C ARG B 97 -10.35 5.02 25.63
N ALA B 98 -9.40 5.49 24.84
CA ALA B 98 -9.70 6.45 23.78
C ALA B 98 -8.73 6.22 22.65
N ARG B 99 -9.04 6.82 21.50
CA ARG B 99 -8.20 6.72 20.31
C ARG B 99 -8.14 8.06 19.61
N LEU B 100 -6.93 8.54 19.37
CA LEU B 100 -6.70 9.80 18.69
C LEU B 100 -5.89 9.57 17.42
N PHE B 101 -6.32 10.19 16.32
CA PHE B 101 -5.73 9.97 15.00
C PHE B 101 -5.07 11.27 14.52
N ARG B 102 -4.60 11.25 13.27
CA ARG B 102 -3.90 12.40 12.70
C ARG B 102 -4.63 13.71 12.96
N GLU B 103 -5.97 13.69 12.86
CA GLU B 103 -6.75 14.90 13.10
C GLU B 103 -6.44 15.55 14.44
N SER B 104 -6.05 14.77 15.44
CA SER B 104 -5.85 15.33 16.77
C SER B 104 -4.41 15.76 17.04
N CYS B 105 -3.49 15.43 16.14
CA CYS B 105 -2.14 15.94 16.22
C CYS B 105 -2.12 17.44 15.90
N VAL B 106 -0.93 18.03 16.05
CA VAL B 106 -0.68 19.41 15.68
C VAL B 106 0.39 19.37 14.60
N PHE B 107 0.03 19.83 13.41
CA PHE B 107 1.00 19.84 12.31
C PHE B 107 1.91 21.05 12.52
N HIS B 108 3.16 20.77 12.89
CA HIS B 108 4.11 21.80 13.31
C HIS B 108 5.47 21.48 12.69
N ARG B 109 6.00 22.44 11.93
CA ARG B 109 7.29 22.30 11.27
C ARG B 109 7.35 21.03 10.44
N GLY B 110 6.30 20.86 9.62
CA GLY B 110 6.19 19.69 8.74
C GLY B 110 6.02 18.36 9.43
N ASN B 111 5.94 18.31 10.76
CA ASN B 111 5.73 17.07 11.49
C ASN B 111 4.39 17.09 12.22
N TYR B 112 3.85 15.91 12.46
CA TYR B 112 2.67 15.74 13.30
C TYR B 112 3.13 15.49 14.73
N VAL B 113 2.84 16.42 15.63
CA VAL B 113 3.26 16.26 17.01
C VAL B 113 2.06 15.82 17.82
N LYS B 114 2.33 15.05 18.86
CA LYS B 114 1.30 14.71 19.85
C LYS B 114 1.46 15.71 20.98
N ASP B 115 0.64 16.76 20.94
CA ASP B 115 0.66 17.82 21.94
C ASP B 115 -0.04 17.30 23.18
N LEU B 116 0.72 16.61 24.03
CA LEU B 116 0.18 16.03 25.26
C LEU B 116 -0.65 17.04 26.06
N SER B 117 -0.29 18.33 26.00
CA SER B 117 -1.05 19.35 26.71
C SER B 117 -2.53 19.37 26.34
N ARG B 118 -2.91 18.79 25.22
CA ARG B 118 -4.28 18.93 24.77
C ARG B 118 -5.15 17.75 25.20
N LEU B 119 -4.55 16.75 25.85
CA LEU B 119 -5.33 15.67 26.42
C LEU B 119 -6.33 16.18 27.44
N GLY B 120 -5.87 17.01 28.37
CA GLY B 120 -6.69 17.37 29.51
C GLY B 120 -6.34 16.46 30.66
N ARG B 121 -5.04 16.29 30.88
CA ARG B 121 -4.52 15.44 31.93
C ARG B 121 -3.30 16.13 32.57
N ASP B 122 -3.25 16.10 33.89
CA ASP B 122 -2.09 16.60 34.61
C ASP B 122 -0.83 15.93 34.08
N LEU B 123 0.04 16.69 33.44
CA LEU B 123 1.18 16.09 32.76
C LEU B 123 2.18 15.47 33.71
N ARG B 124 2.10 15.77 35.01
CA ARG B 124 2.88 15.01 35.97
C ARG B 124 2.41 13.55 36.06
N ARG B 125 1.22 13.25 35.53
CA ARG B 125 0.72 11.88 35.44
C ARG B 125 0.38 11.54 33.99
N VAL B 126 1.32 11.81 33.08
CA VAL B 126 1.16 11.47 31.67
C VAL B 126 2.47 10.90 31.13
N LEU B 127 2.38 9.78 30.43
CA LEU B 127 3.52 9.24 29.70
C LEU B 127 3.16 9.16 28.21
N ILE B 128 4.20 9.13 27.37
CA ILE B 128 4.04 8.78 25.96
C ILE B 128 5.07 7.72 25.59
N LEU B 129 4.62 6.72 24.84
CA LEU B 129 5.46 5.65 24.30
C LEU B 129 5.35 5.71 22.78
N ASP B 130 6.45 6.07 22.11
CA ASP B 130 6.39 6.41 20.70
C ASP B 130 7.78 6.27 20.11
N ASN B 131 7.88 5.61 18.95
CA ASN B 131 9.20 5.32 18.38
C ASN B 131 9.86 6.55 17.79
N SER B 132 9.08 7.59 17.50
CA SER B 132 9.57 8.74 16.78
C SER B 132 9.67 9.92 17.72
N PRO B 133 10.88 10.33 18.13
CA PRO B 133 10.99 11.43 19.10
C PRO B 133 10.43 12.74 18.59
N ALA B 134 10.32 12.91 17.27
CA ALA B 134 9.64 14.09 16.73
C ALA B 134 8.22 14.20 17.26
N SER B 135 7.53 13.07 17.40
CA SER B 135 6.10 13.07 17.74
C SER B 135 5.82 13.68 19.11
N TYR B 136 6.82 13.77 19.98
CA TYR B 136 6.63 14.31 21.33
C TYR B 136 7.61 15.44 21.63
N VAL B 137 7.87 16.29 20.62
CA VAL B 137 8.89 17.33 20.76
C VAL B 137 8.45 18.41 21.75
N PHE B 138 7.14 18.62 21.93
CA PHE B 138 6.65 19.57 22.92
C PHE B 138 6.77 19.08 24.36
N HIS B 139 7.19 17.81 24.60
CA HIS B 139 7.10 17.17 25.90
C HIS B 139 8.10 16.02 26.06
N PRO B 140 9.40 16.22 25.80
CA PRO B 140 10.33 15.09 25.78
C PRO B 140 10.57 14.47 27.12
N ASP B 141 10.21 15.17 28.20
CA ASP B 141 10.40 14.62 29.54
C ASP B 141 9.30 13.65 29.93
N ASN B 142 8.25 13.54 29.13
CA ASN B 142 7.16 12.61 29.36
C ASN B 142 7.33 11.29 28.63
N ALA B 143 8.46 11.08 27.96
CA ALA B 143 8.58 10.07 26.92
C ALA B 143 9.35 8.86 27.42
N VAL B 144 8.80 7.69 27.18
CA VAL B 144 9.51 6.44 27.40
C VAL B 144 9.91 5.96 26.01
N PRO B 145 11.15 6.18 25.60
CA PRO B 145 11.51 5.85 24.21
C PRO B 145 11.42 4.36 23.97
N VAL B 146 11.22 4.00 22.71
CA VAL B 146 11.14 2.61 22.30
C VAL B 146 11.59 2.50 20.86
N ALA B 147 12.46 1.53 20.58
CA ALA B 147 13.07 1.45 19.26
C ALA B 147 12.02 1.14 18.19
N SER B 148 12.27 1.63 16.97
CA SER B 148 11.36 1.37 15.85
C SER B 148 11.41 -0.09 15.44
N TRP B 149 10.23 -0.69 15.28
CA TRP B 149 10.12 -2.11 14.98
C TRP B 149 9.47 -2.29 13.61
N PHE B 150 9.98 -3.26 12.85
CA PHE B 150 9.50 -3.51 11.49
C PHE B 150 9.14 -4.98 11.29
N ASP B 151 10.11 -5.87 11.47
CA ASP B 151 9.86 -7.29 11.24
C ASP B 151 10.73 -8.21 12.09
N ASN B 152 11.60 -7.67 12.95
CA ASN B 152 12.42 -8.50 13.82
C ASN B 152 11.57 -9.28 14.80
N MET B 153 11.31 -10.56 14.52
CA MET B 153 10.50 -11.32 15.47
C MET B 153 11.29 -11.73 16.70
N SER B 154 12.58 -11.39 16.77
CA SER B 154 13.35 -11.59 17.98
C SER B 154 13.15 -10.46 18.98
N ASP B 155 12.60 -9.34 18.55
CA ASP B 155 12.41 -8.17 19.41
C ASP B 155 11.71 -8.57 20.71
N THR B 156 12.22 -8.06 21.83
CA THR B 156 11.60 -8.30 23.13
C THR B 156 11.40 -7.01 23.91
N GLU B 157 11.43 -5.86 23.21
CA GLU B 157 11.46 -4.58 23.91
C GLU B 157 10.15 -4.29 24.63
N LEU B 158 9.01 -4.74 24.08
CA LEU B 158 7.76 -4.51 24.78
C LEU B 158 7.68 -5.33 26.06
N HIS B 159 8.15 -6.58 26.01
CA HIS B 159 8.23 -7.38 27.23
C HIS B 159 9.18 -6.74 28.23
N ASP B 160 10.38 -6.38 27.76
CA ASP B 160 11.41 -5.84 28.64
C ASP B 160 11.07 -4.46 29.19
N LEU B 161 10.13 -3.74 28.57
CA LEU B 161 9.71 -2.44 29.07
C LEU B 161 8.71 -2.54 30.22
N LEU B 162 8.02 -3.67 30.38
CA LEU B 162 6.99 -3.78 31.41
C LEU B 162 7.51 -3.51 32.82
N PRO B 163 8.65 -4.07 33.25
CA PRO B 163 9.15 -3.73 34.60
C PRO B 163 9.25 -2.23 34.86
N PHE B 164 9.86 -1.50 33.93
CA PHE B 164 9.97 -0.04 34.08
C PHE B 164 8.61 0.59 34.27
N PHE B 165 7.63 0.22 33.44
CA PHE B 165 6.28 0.78 33.58
C PHE B 165 5.64 0.41 34.90
N GLU B 166 5.88 -0.82 35.38
CA GLU B 166 5.40 -1.23 36.70
C GLU B 166 5.74 -0.17 37.74
N GLN B 167 6.99 0.28 37.75
CA GLN B 167 7.45 1.26 38.74
C GLN B 167 6.78 2.61 38.53
N LEU B 168 6.76 3.10 37.28
CA LEU B 168 6.19 4.42 37.03
C LEU B 168 4.74 4.50 37.46
N SER B 169 3.99 3.40 37.28
CA SER B 169 2.58 3.39 37.70
C SER B 169 2.45 3.68 39.20
N ARG B 170 3.39 3.19 40.01
CA ARG B 170 3.32 3.42 41.46
C ARG B 170 3.53 4.90 41.79
N VAL B 171 4.52 5.54 41.16
CA VAL B 171 4.99 6.88 41.51
C VAL B 171 3.90 7.93 41.31
N ASP B 172 4.13 9.12 41.84
CA ASP B 172 3.17 10.22 41.90
C ASP B 172 3.38 11.24 40.80
N ASP B 173 4.61 11.41 40.35
CA ASP B 173 4.95 12.39 39.32
C ASP B 173 6.00 11.72 38.44
N VAL B 174 5.67 11.56 37.15
CA VAL B 174 6.57 10.82 36.28
C VAL B 174 7.88 11.58 36.09
N TYR B 175 7.87 12.89 36.32
CA TYR B 175 9.09 13.67 36.14
C TYR B 175 10.16 13.26 37.13
N SER B 176 9.77 12.89 38.35
CA SER B 176 10.75 12.45 39.34
C SER B 176 11.63 11.31 38.81
N VAL B 177 11.09 10.48 37.92
CA VAL B 177 11.90 9.45 37.30
C VAL B 177 12.49 9.91 35.96
N LEU B 178 11.75 10.74 35.21
CA LEU B 178 12.22 11.20 33.90
C LEU B 178 12.93 12.55 33.97
N ARG B 179 12.93 13.18 35.15
CA ARG B 179 13.80 14.32 35.46
C ARG B 179 13.53 15.52 34.54
N GLN B 180 12.41 16.20 34.82
CA GLN B 180 12.03 17.47 34.17
C GLN B 180 13.22 18.40 33.87
N ASP C 2 -3.78 -4.46 -36.08
CA ASP C 2 -3.03 -3.23 -36.33
C ASP C 2 -3.31 -2.16 -35.29
N LEU C 3 -3.99 -2.53 -34.21
CA LEU C 3 -4.33 -1.54 -33.20
C LEU C 3 -3.08 -1.23 -32.42
N SEP C 4 -2.49 -2.24 -31.78
CA SEP C 4 -1.10 -2.11 -31.34
CB SEP C 4 -0.83 -2.71 -29.95
OG SEP C 4 0.41 -3.42 -29.94
C SEP C 4 -0.27 -2.83 -32.38
O SEP C 4 -0.22 -4.06 -32.38
P SEP C 4 0.84 -3.94 -28.46
O1P SEP C 4 0.32 -2.86 -27.39
O2P SEP C 4 0.22 -5.41 -28.18
O3P SEP C 4 2.44 -4.09 -28.37
N PRO C 5 0.39 -2.06 -33.26
CA PRO C 5 1.17 -2.64 -34.36
C PRO C 5 2.62 -2.88 -33.93
N PRO C 6 3.25 -3.95 -34.42
CA PRO C 6 4.70 -4.07 -34.21
C PRO C 6 5.48 -2.89 -34.78
N SER C 7 5.04 -2.39 -35.94
CA SER C 7 5.70 -1.36 -36.72
C SER C 7 4.66 -0.55 -37.47
N PRO C 8 4.85 0.77 -37.60
CA PRO C 8 3.87 1.62 -38.31
C PRO C 8 3.75 1.24 -39.80
N ASP D 2 -2.26 7.75 4.36
CA ASP D 2 -3.10 6.75 5.01
C ASP D 2 -2.50 6.35 6.36
N LEU D 3 -1.24 5.90 6.32
CA LEU D 3 -0.54 5.44 7.53
C LEU D 3 0.19 6.61 8.20
N SEP D 4 0.95 6.30 9.25
CA SEP D 4 1.64 7.30 10.09
CB SEP D 4 1.89 6.68 11.48
OG SEP D 4 2.04 7.66 12.50
C SEP D 4 2.95 7.80 9.48
O SEP D 4 3.96 7.09 9.50
P SEP D 4 2.37 6.98 13.93
O1P SEP D 4 1.54 5.60 14.13
O2P SEP D 4 3.96 6.67 14.03
O3P SEP D 4 1.91 8.02 15.07
N PRO D 5 2.95 9.04 8.96
CA PRO D 5 4.06 9.65 8.20
C PRO D 5 5.29 9.98 9.05
N PRO D 6 6.51 9.87 8.47
CA PRO D 6 7.73 10.16 9.22
C PRO D 6 8.24 11.61 9.08
MG MG E . 0.65 -7.27 -27.61
MG MG F . 5.39 5.38 14.92
#